data_2R0Y
#
_entry.id   2R0Y
#
_cell.length_a   95.028
_cell.length_b   95.028
_cell.length_c   233.077
_cell.angle_alpha   90.000
_cell.angle_beta   90.000
_cell.angle_gamma   120.000
#
_symmetry.space_group_name_H-M   'H 3 2'
#
loop_
_entity.id
_entity.type
_entity.pdbx_description
1 polymer 'Chromatin structure-remodeling complex protein RSC4'
2 polymer 'Histone H3 peptide'
3 water water
#
loop_
_entity_poly.entity_id
_entity_poly.type
_entity_poly.pdbx_seq_one_letter_code
_entity_poly.pdbx_strand_id
1 'polypeptide(L)'
;GIDPFTVDYNAPLNPKSELFLDDWHIPKFNRFISFTLDVLIDKYKDIFKDFIKLPSRKFHPQYYYKIQQP(MSE)SINEI
KSRDYEYEDGPSNFLLDVELLTKNCQAYNEYDSLIVKNS(MSE)QVV(MSE)LIEFEVLKAKNLKRNYLINSEVKAKLLH
YLNKLVDATEKKINQALLGASSPKNLDDKVKLSEPF(MSE)ELVDKDELPEYYEIVHSP(MSE)ALSIVKQNLEIGQYSK
IYDFIID(MSE)LLVFQNAHIFNDPSALIYKDATTLTNYFNYLIQKEFFPELQDLNERGEINLEFDKFEFENYLAIGGGG
PAAAGALAISALDND
;
A
2 'polypeptide(L)' TARKSTGG(ALY)APRK B
#
# COMPACT_ATOMS: atom_id res chain seq x y z
N ASP A 8 8.29 16.77 -8.81
CA ASP A 8 9.24 16.72 -7.63
C ASP A 8 9.67 15.28 -7.39
N TYR A 9 10.82 14.91 -7.95
CA TYR A 9 11.38 13.56 -7.83
C TYR A 9 11.61 13.17 -6.37
N ASN A 10 12.13 14.10 -5.59
CA ASN A 10 12.59 13.76 -4.25
C ASN A 10 11.49 13.65 -3.21
N ALA A 11 10.29 14.11 -3.55
CA ALA A 11 9.18 14.11 -2.61
C ALA A 11 8.42 12.78 -2.69
N PRO A 12 8.54 11.92 -1.65
CA PRO A 12 7.76 10.69 -1.66
C PRO A 12 6.28 11.03 -1.73
N LEU A 13 5.52 10.15 -2.35
CA LEU A 13 4.07 10.27 -2.38
C LEU A 13 3.53 10.20 -0.96
N ASN A 14 4.17 9.35 -0.15
CA ASN A 14 3.90 9.20 1.26
C ASN A 14 5.16 9.40 2.09
N PRO A 15 5.48 10.66 2.44
CA PRO A 15 6.75 11.00 3.10
C PRO A 15 6.92 10.34 4.46
N LYS A 16 5.80 9.92 5.06
CA LYS A 16 5.85 9.28 6.36
C LYS A 16 5.63 7.75 6.34
N SER A 17 5.69 7.15 5.15
CA SER A 17 5.62 5.70 5.02
C SER A 17 6.88 5.08 5.58
N GLU A 18 6.72 3.94 6.22
CA GLU A 18 7.88 3.21 6.73
C GLU A 18 8.87 2.92 5.61
N LEU A 19 8.40 2.82 4.36
CA LEU A 19 9.34 2.56 3.24
C LEU A 19 10.38 3.66 3.12
N PHE A 20 10.03 4.88 3.57
CA PHE A 20 10.96 6.01 3.56
C PHE A 20 11.59 6.35 4.88
N LEU A 21 10.90 6.08 6.00
CA LEU A 21 11.40 6.40 7.34
C LEU A 21 12.36 5.36 7.90
N ASP A 22 12.12 4.10 7.58
CA ASP A 22 12.95 3.02 8.16
C ASP A 22 14.21 2.83 7.36
N ASP A 23 15.30 2.48 8.05
CA ASP A 23 16.57 2.24 7.37
C ASP A 23 16.68 0.79 6.97
N TRP A 24 16.05 0.41 5.85
CA TRP A 24 16.02 -0.96 5.38
C TRP A 24 16.82 -1.16 4.07
N HIS A 25 17.34 -2.37 3.90
CA HIS A 25 17.89 -2.80 2.62
C HIS A 25 17.57 -4.25 2.49
N ILE A 26 17.28 -4.66 1.26
CA ILE A 26 17.10 -6.07 0.90
C ILE A 26 18.38 -6.60 0.27
N PRO A 27 18.90 -7.74 0.78
CA PRO A 27 20.09 -8.34 0.21
C PRO A 27 19.87 -8.69 -1.27
N LYS A 28 20.90 -8.45 -2.09
CA LYS A 28 20.83 -8.65 -3.58
C LYS A 28 19.58 -7.97 -4.13
N PHE A 29 19.44 -6.69 -3.79
CA PHE A 29 18.24 -5.91 -4.14
C PHE A 29 17.99 -5.91 -5.65
N ASN A 30 19.06 -5.85 -6.46
CA ASN A 30 18.88 -5.83 -7.91
C ASN A 30 18.16 -7.08 -8.41
N ARG A 31 18.51 -8.22 -7.84
CA ARG A 31 17.89 -9.50 -8.16
C ARG A 31 16.42 -9.50 -7.70
N PHE A 32 16.19 -8.99 -6.50
CA PHE A 32 14.83 -8.80 -5.99
C PHE A 32 13.96 -7.97 -6.92
N ILE A 33 14.51 -6.87 -7.40
CA ILE A 33 13.74 -5.94 -8.24
C ILE A 33 13.29 -6.60 -9.53
N SER A 34 14.22 -7.22 -10.24
CA SER A 34 13.89 -7.83 -11.53
C SER A 34 12.92 -9.00 -11.36
N PHE A 35 13.15 -9.82 -10.34
CA PHE A 35 12.24 -10.91 -9.99
C PHE A 35 10.82 -10.41 -9.73
N THR A 36 10.68 -9.40 -8.87
CA THR A 36 9.40 -8.91 -8.40
C THR A 36 8.64 -8.21 -9.51
N LEU A 37 9.33 -7.36 -10.27
CA LEU A 37 8.69 -6.65 -11.36
C LEU A 37 8.20 -7.63 -12.44
N ASP A 38 9.00 -8.65 -12.74
CA ASP A 38 8.58 -9.67 -13.73
C ASP A 38 7.33 -10.42 -13.29
N VAL A 39 7.26 -10.79 -12.00
CA VAL A 39 6.08 -11.46 -11.43
C VAL A 39 4.83 -10.59 -11.59
N LEU A 40 4.96 -9.32 -11.22
CA LEU A 40 3.87 -8.38 -11.33
C LEU A 40 3.45 -8.15 -12.78
N ILE A 41 4.41 -7.99 -13.68
CA ILE A 41 4.11 -7.83 -15.11
C ILE A 41 3.27 -9.02 -15.61
N ASP A 42 3.70 -10.23 -15.28
CA ASP A 42 2.96 -11.43 -15.68
C ASP A 42 1.57 -11.57 -15.03
N LYS A 43 1.41 -11.09 -13.80
CA LYS A 43 0.17 -11.23 -13.04
C LYS A 43 -0.90 -10.19 -13.45
N TYR A 44 -0.42 -8.99 -13.74
CA TYR A 44 -1.29 -7.85 -14.04
C TYR A 44 -0.91 -7.29 -15.43
N LYS A 45 -0.98 -8.14 -16.46
CA LYS A 45 -0.43 -7.79 -17.78
C LYS A 45 -1.07 -6.52 -18.34
N ASP A 46 -2.41 -6.45 -18.27
CA ASP A 46 -3.11 -5.37 -18.90
C ASP A 46 -2.77 -4.02 -18.27
N ILE A 47 -2.55 -3.96 -16.96
CA ILE A 47 -2.29 -2.65 -16.40
C ILE A 47 -0.82 -2.27 -16.46
N PHE A 48 0.06 -3.25 -16.39
CA PHE A 48 1.51 -2.96 -16.49
C PHE A 48 2.03 -2.67 -17.90
N LYS A 49 1.34 -3.20 -18.91
CA LYS A 49 1.81 -3.14 -20.30
C LYS A 49 2.20 -1.72 -20.74
N ASP A 50 1.48 -0.69 -20.28
CA ASP A 50 1.76 0.69 -20.71
C ASP A 50 2.96 1.32 -20.04
N PHE A 51 3.55 0.63 -19.07
CA PHE A 51 4.65 1.20 -18.27
C PHE A 51 5.96 0.49 -18.39
N ILE A 52 6.00 -0.53 -19.26
CA ILE A 52 7.20 -1.37 -19.41
C ILE A 52 8.29 -0.65 -20.21
N LYS A 53 7.86 -0.01 -21.31
CA LYS A 53 8.77 0.73 -22.19
C LYS A 53 8.53 2.24 -22.11
N LEU A 54 9.60 3.03 -22.24
CA LEU A 54 9.43 4.46 -22.49
C LEU A 54 8.62 4.75 -23.77
N PRO A 55 7.86 5.89 -23.81
CA PRO A 55 7.18 6.26 -25.05
C PRO A 55 8.21 6.63 -26.10
N SER A 56 7.98 6.17 -27.34
CA SER A 56 8.90 6.41 -28.45
C SER A 56 9.19 7.92 -28.66
N ARG A 57 10.52 8.25 -28.80
CA ARG A 57 10.86 9.65 -29.10
C ARG A 57 10.26 10.20 -30.39
N LYS A 58 10.30 9.43 -31.48
CA LYS A 58 9.69 9.91 -32.75
C LYS A 58 8.29 10.54 -32.57
N PHE A 59 7.39 9.92 -31.74
CA PHE A 59 5.96 10.31 -31.71
C PHE A 59 5.46 11.06 -30.45
N HIS A 60 6.39 11.43 -29.50
CA HIS A 60 5.92 11.95 -28.20
C HIS A 60 6.68 13.23 -27.76
N PRO A 61 6.64 14.27 -28.59
CA PRO A 61 7.56 15.41 -28.46
C PRO A 61 7.22 16.26 -27.24
N GLN A 62 5.94 16.41 -26.95
CA GLN A 62 5.49 17.22 -25.82
C GLN A 62 5.68 16.48 -24.50
N TYR A 63 5.71 15.15 -24.57
CA TYR A 63 6.01 14.33 -23.41
C TYR A 63 7.44 14.55 -22.93
N TYR A 64 8.38 14.53 -23.87
CA TYR A 64 9.79 14.78 -23.55
C TYR A 64 10.12 16.27 -23.33
N TYR A 65 9.14 17.16 -23.68
CA TYR A 65 9.21 18.57 -23.25
C TYR A 65 8.74 18.73 -21.83
N LYS A 66 7.64 18.05 -21.51
CA LYS A 66 6.99 18.21 -20.21
C LYS A 66 7.73 17.47 -19.12
N ILE A 67 8.19 16.26 -19.43
CA ILE A 67 8.66 15.28 -18.41
C ILE A 67 10.17 15.28 -18.27
N GLN A 68 10.62 15.71 -17.07
CA GLN A 68 12.04 15.99 -16.87
C GLN A 68 12.84 14.70 -16.62
N GLN A 69 12.18 13.72 -15.99
CA GLN A 69 12.77 12.42 -15.80
C GLN A 69 11.82 11.30 -16.23
N PRO A 70 11.81 10.96 -17.56
CA PRO A 70 11.09 9.80 -18.11
C PRO A 70 11.51 8.54 -17.36
N MSE A 71 10.54 7.63 -17.16
CA MSE A 71 10.78 6.40 -16.42
C MSE A 71 9.91 5.28 -16.96
O MSE A 71 8.77 5.51 -17.37
CB MSE A 71 10.52 6.61 -14.93
CG MSE A 71 10.99 5.43 -14.01
SE MSE A 71 12.98 5.14 -14.19
CE MSE A 71 13.67 7.05 -13.89
N SER A 72 10.45 4.08 -16.94
CA SER A 72 9.74 2.89 -17.38
C SER A 72 10.23 1.75 -16.52
N ILE A 73 9.47 0.64 -16.55
CA ILE A 73 9.89 -0.53 -15.77
C ILE A 73 11.20 -1.15 -16.28
N ASN A 74 11.33 -1.19 -17.61
CA ASN A 74 12.59 -1.61 -18.23
C ASN A 74 13.78 -0.76 -17.79
N GLU A 75 13.60 0.55 -17.69
CA GLU A 75 14.69 1.40 -17.18
C GLU A 75 15.03 1.03 -15.73
N ILE A 76 14.01 0.84 -14.90
CA ILE A 76 14.24 0.45 -13.50
C ILE A 76 14.98 -0.89 -13.39
N LYS A 77 14.59 -1.85 -14.18
CA LYS A 77 15.20 -3.14 -14.20
C LYS A 77 16.67 -3.13 -14.66
N SER A 78 17.06 -2.12 -15.40
CA SER A 78 18.45 -2.01 -15.87
C SER A 78 19.36 -1.28 -14.88
N ARG A 79 18.80 -0.64 -13.86
CA ARG A 79 19.58 0.20 -12.93
C ARG A 79 20.10 -0.58 -11.73
N ASP A 80 21.16 -0.09 -11.11
CA ASP A 80 21.74 -0.66 -9.89
C ASP A 80 21.18 0.11 -8.71
N TYR A 81 20.69 -0.64 -7.72
CA TYR A 81 20.20 -0.07 -6.47
C TYR A 81 20.87 -0.66 -5.22
N GLU A 82 22.02 -1.33 -5.41
CA GLU A 82 22.73 -1.99 -4.32
C GLU A 82 23.80 -1.05 -3.72
N TYR A 83 23.31 -0.04 -3.03
CA TYR A 83 24.13 0.95 -2.35
C TYR A 83 23.23 1.62 -1.32
N GLU A 84 23.83 2.47 -0.50
CA GLU A 84 23.12 2.98 0.67
C GLU A 84 21.77 3.66 0.38
N ASP A 85 21.74 4.60 -0.55
CA ASP A 85 20.47 5.29 -0.88
C ASP A 85 19.63 4.53 -1.94
N GLY A 86 20.04 3.30 -2.24
CA GLY A 86 19.37 2.50 -3.27
C GLY A 86 17.86 2.28 -3.04
N PRO A 87 17.47 1.87 -1.81
CA PRO A 87 16.02 1.67 -1.50
C PRO A 87 15.19 2.92 -1.77
N SER A 88 15.69 4.09 -1.35
N SER A 88 15.69 4.08 -1.32
CA SER A 88 14.98 5.36 -1.61
CA SER A 88 15.01 5.37 -1.60
C SER A 88 14.95 5.77 -3.07
C SER A 88 14.93 5.68 -3.08
N ASN A 89 16.07 5.62 -3.76
CA ASN A 89 16.11 5.89 -5.21
C ASN A 89 15.23 4.96 -6.03
N PHE A 90 15.18 3.69 -5.66
CA PHE A 90 14.27 2.72 -6.31
C PHE A 90 12.80 3.14 -6.14
N LEU A 91 12.41 3.43 -4.91
CA LEU A 91 11.02 3.83 -4.64
C LEU A 91 10.67 5.12 -5.33
N LEU A 92 11.59 6.09 -5.34
CA LEU A 92 11.33 7.35 -6.06
C LEU A 92 11.24 7.14 -7.57
N ASP A 93 12.06 6.25 -8.11
CA ASP A 93 12.01 5.90 -9.54
C ASP A 93 10.66 5.22 -9.88
N VAL A 94 10.23 4.32 -9.03
CA VAL A 94 8.93 3.69 -9.16
C VAL A 94 7.84 4.75 -9.11
N GLU A 95 7.93 5.71 -8.19
CA GLU A 95 6.87 6.70 -8.08
C GLU A 95 6.83 7.62 -9.28
N LEU A 96 7.95 7.80 -9.96
CA LEU A 96 7.97 8.45 -11.26
C LEU A 96 6.82 7.95 -12.14
N LEU A 97 6.68 6.63 -12.21
CA LEU A 97 5.73 6.02 -13.14
C LEU A 97 4.35 6.62 -13.01
N THR A 98 3.92 6.98 -11.79
CA THR A 98 2.67 7.71 -11.64
C THR A 98 2.82 9.25 -11.65
N LYS A 99 3.87 9.79 -11.05
CA LYS A 99 4.08 11.24 -11.12
C LYS A 99 4.17 11.76 -12.55
N ASN A 100 4.93 11.08 -13.40
CA ASN A 100 5.07 11.50 -14.79
C ASN A 100 3.75 11.38 -15.52
N CYS A 101 3.04 10.29 -15.24
CA CYS A 101 1.77 10.05 -15.94
C CYS A 101 0.74 11.14 -15.57
N GLN A 102 0.68 11.48 -14.28
CA GLN A 102 -0.18 12.55 -13.75
C GLN A 102 0.21 13.95 -14.26
N ALA A 103 1.49 14.16 -14.52
CA ALA A 103 2.00 15.41 -15.07
C ALA A 103 1.59 15.60 -16.53
N TYR A 104 1.46 14.48 -17.25
CA TYR A 104 1.27 14.48 -18.70
C TYR A 104 -0.18 14.26 -19.15
N ASN A 105 -0.90 13.41 -18.44
CA ASN A 105 -2.25 13.02 -18.84
C ASN A 105 -3.28 13.70 -17.94
N GLU A 106 -4.56 13.70 -18.34
CA GLU A 106 -5.66 14.20 -17.49
C GLU A 106 -5.73 13.37 -16.22
N TYR A 107 -5.97 13.99 -15.07
CA TYR A 107 -5.92 13.26 -13.77
C TYR A 107 -6.95 12.14 -13.65
N ASP A 108 -8.13 12.35 -14.25
CA ASP A 108 -9.24 11.41 -14.17
C ASP A 108 -9.07 10.19 -15.07
N SER A 109 -7.98 10.14 -15.84
CA SER A 109 -7.92 9.24 -16.97
C SER A 109 -7.61 7.83 -16.53
N LEU A 110 -8.00 6.85 -17.34
CA LEU A 110 -7.72 5.47 -17.00
C LEU A 110 -6.24 5.22 -16.91
N ILE A 111 -5.50 5.77 -17.84
CA ILE A 111 -4.05 5.56 -17.75
C ILE A 111 -3.43 6.06 -16.46
N VAL A 112 -3.89 7.22 -15.98
CA VAL A 112 -3.42 7.73 -14.67
C VAL A 112 -3.83 6.80 -13.51
N LYS A 113 -5.10 6.40 -13.48
CA LYS A 113 -5.53 5.45 -12.43
C LYS A 113 -4.71 4.14 -12.49
N ASN A 114 -4.42 3.66 -13.70
CA ASN A 114 -3.55 2.48 -13.88
C ASN A 114 -2.15 2.69 -13.37
N SER A 115 -1.56 3.87 -13.65
CA SER A 115 -0.24 4.20 -13.15
C SER A 115 -0.21 4.15 -11.60
N MSE A 116 -1.28 4.63 -10.95
CA MSE A 116 -1.36 4.63 -9.50
C MSE A 116 -1.37 3.20 -8.97
O MSE A 116 -0.75 2.92 -7.96
CB MSE A 116 -2.60 5.39 -9.03
CG MSE A 116 -2.51 6.86 -9.30
SE MSE A 116 -4.21 7.71 -8.82
CE MSE A 116 -3.62 9.61 -8.69
N GLN A 117 -2.08 2.31 -9.65
CA GLN A 117 -2.18 0.90 -9.25
C GLN A 117 -0.88 0.14 -9.49
N VAL A 118 -0.17 0.46 -10.57
CA VAL A 118 1.17 -0.10 -10.79
C VAL A 118 2.06 0.23 -9.58
N VAL A 119 2.09 1.50 -9.21
CA VAL A 119 2.97 1.92 -8.11
C VAL A 119 2.52 1.24 -6.83
N MSE A 120 1.22 1.28 -6.56
CA MSE A 120 0.69 0.60 -5.36
C MSE A 120 1.12 -0.88 -5.26
O MSE A 120 1.57 -1.33 -4.19
CB MSE A 120 -0.85 0.67 -5.39
CG MSE A 120 -1.52 0.09 -4.15
SE MSE A 120 -3.46 -0.02 -4.43
CE MSE A 120 -3.48 -1.55 -5.80
N LEU A 121 0.93 -1.63 -6.34
CA LEU A 121 1.26 -3.07 -6.37
C LEU A 121 2.74 -3.32 -6.15
N ILE A 122 3.57 -2.47 -6.73
CA ILE A 122 5.01 -2.58 -6.55
C ILE A 122 5.35 -2.29 -5.08
N GLU A 123 4.82 -1.18 -4.56
CA GLU A 123 5.14 -0.82 -3.15
C GLU A 123 4.62 -1.85 -2.13
N PHE A 124 3.49 -2.50 -2.42
CA PHE A 124 3.00 -3.60 -1.59
C PHE A 124 4.03 -4.75 -1.53
N GLU A 125 4.56 -5.14 -2.70
CA GLU A 125 5.58 -6.22 -2.75
C GLU A 125 6.85 -5.84 -1.98
N VAL A 126 7.24 -4.57 -2.08
CA VAL A 126 8.39 -4.07 -1.29
C VAL A 126 8.07 -4.11 0.21
N LEU A 127 6.88 -3.67 0.59
CA LEU A 127 6.53 -3.67 2.04
C LEU A 127 6.59 -5.09 2.62
N LYS A 128 6.07 -6.06 1.88
CA LYS A 128 6.20 -7.45 2.30
C LYS A 128 7.66 -7.88 2.47
N ALA A 129 8.49 -7.62 1.47
CA ALA A 129 9.88 -8.08 1.50
C ALA A 129 10.71 -7.37 2.58
N LYS A 130 10.40 -6.10 2.83
CA LYS A 130 11.11 -5.28 3.80
C LYS A 130 10.90 -5.83 5.20
N ASN A 131 9.73 -6.45 5.37
CA ASN A 131 9.25 -6.86 6.71
C ASN A 131 9.38 -8.33 7.00
N LEU A 132 10.21 -9.03 6.25
CA LEU A 132 10.43 -10.46 6.49
C LEU A 132 10.66 -10.80 7.96
N LYS A 133 11.44 -9.99 8.67
N LYS A 133 11.44 -9.97 8.66
CA LYS A 133 11.83 -10.26 10.05
CA LYS A 133 11.83 -10.20 10.05
C LYS A 133 10.64 -10.34 11.03
C LYS A 133 10.65 -10.32 11.03
N ARG A 134 9.54 -9.68 10.68
CA ARG A 134 8.36 -9.64 11.54
C ARG A 134 7.10 -10.08 10.81
N ASN A 135 7.27 -10.73 9.67
CA ASN A 135 6.10 -11.20 8.93
C ASN A 135 5.67 -12.58 9.42
N TYR A 136 5.20 -12.63 10.67
CA TYR A 136 4.93 -13.91 11.30
C TYR A 136 3.71 -14.60 10.69
N LEU A 137 3.68 -15.91 10.81
CA LEU A 137 2.50 -16.73 10.54
C LEU A 137 1.34 -16.26 11.42
N ILE A 138 0.16 -16.18 10.83
CA ILE A 138 -1.02 -15.84 11.62
C ILE A 138 -1.50 -17.15 12.27
N ASN A 139 -1.01 -17.40 13.48
CA ASN A 139 -1.51 -18.53 14.25
C ASN A 139 -2.69 -18.08 15.12
N SER A 140 -3.12 -18.91 16.07
CA SER A 140 -4.33 -18.60 16.83
C SER A 140 -4.18 -17.31 17.63
N GLU A 141 -3.02 -17.11 18.25
CA GLU A 141 -2.80 -15.88 19.06
C GLU A 141 -2.73 -14.65 18.19
N VAL A 142 -1.97 -14.71 17.09
CA VAL A 142 -1.82 -13.54 16.22
C VAL A 142 -3.18 -13.20 15.60
N LYS A 143 -3.94 -14.23 15.20
CA LYS A 143 -5.29 -13.99 14.65
C LYS A 143 -6.16 -13.22 15.62
N ALA A 144 -6.18 -13.65 16.89
CA ALA A 144 -7.04 -13.03 17.88
C ALA A 144 -6.64 -11.56 18.03
N LYS A 145 -5.33 -11.31 18.10
CA LYS A 145 -4.84 -9.93 18.21
C LYS A 145 -5.19 -9.08 16.98
N LEU A 146 -4.96 -9.60 15.78
CA LEU A 146 -5.34 -8.86 14.56
C LEU A 146 -6.85 -8.54 14.50
N LEU A 147 -7.67 -9.50 14.91
CA LEU A 147 -9.11 -9.28 14.95
C LEU A 147 -9.47 -8.12 15.89
N HIS A 148 -8.81 -8.03 17.03
CA HIS A 148 -9.08 -6.91 17.95
C HIS A 148 -8.69 -5.57 17.32
N TYR A 149 -7.53 -5.55 16.68
CA TYR A 149 -7.11 -4.28 16.04
C TYR A 149 -8.00 -3.92 14.85
N LEU A 150 -8.43 -4.91 14.08
CA LEU A 150 -9.37 -4.65 12.98
C LEU A 150 -10.66 -4.06 13.55
N ASN A 151 -11.18 -4.68 14.62
CA ASN A 151 -12.42 -4.17 15.22
C ASN A 151 -12.25 -2.74 15.74
N LYS A 152 -11.06 -2.44 16.25
CA LYS A 152 -10.75 -1.11 16.79
C LYS A 152 -10.78 -0.10 15.66
N LEU A 153 -10.24 -0.48 14.52
CA LEU A 153 -10.27 0.37 13.33
C LEU A 153 -11.71 0.55 12.82
N VAL A 154 -12.50 -0.54 12.78
CA VAL A 154 -13.87 -0.47 12.27
C VAL A 154 -14.73 0.43 13.17
N ASP A 155 -14.49 0.36 14.48
CA ASP A 155 -15.27 1.16 15.44
C ASP A 155 -14.80 2.60 15.63
N ALA A 156 -13.70 2.96 15.00
CA ALA A 156 -13.10 4.26 15.24
C ALA A 156 -13.93 5.43 14.71
N THR A 157 -13.99 6.48 15.51
CA THR A 157 -14.70 7.71 15.18
C THR A 157 -13.63 8.82 15.00
N GLU A 158 -14.03 9.97 14.45
CA GLU A 158 -13.06 11.05 14.21
C GLU A 158 -12.39 11.48 15.52
N LYS A 159 -13.16 11.57 16.63
CA LYS A 159 -12.60 11.94 17.95
C LYS A 159 -11.52 10.94 18.43
N LYS A 160 -11.86 9.66 18.33
CA LYS A 160 -10.97 8.58 18.78
C LYS A 160 -9.67 8.55 17.97
N ILE A 161 -9.78 8.66 16.64
CA ILE A 161 -8.58 8.66 15.81
C ILE A 161 -7.68 9.85 16.06
N ASN A 162 -8.30 11.02 16.16
CA ASN A 162 -7.55 12.23 16.46
C ASN A 162 -6.94 12.21 17.83
N GLN A 163 -7.64 11.66 18.83
CA GLN A 163 -7.04 11.50 20.16
C GLN A 163 -5.75 10.68 20.10
N ALA A 164 -5.80 9.60 19.34
CA ALA A 164 -4.69 8.65 19.17
C ALA A 164 -3.51 9.27 18.41
N LEU A 165 -3.81 9.95 17.29
CA LEU A 165 -2.80 10.45 16.37
C LEU A 165 -2.21 11.79 16.81
N LEU A 166 -3.03 12.64 17.42
CA LEU A 166 -2.61 14.01 17.72
C LEU A 166 -2.46 14.38 19.21
N GLY A 167 -3.00 13.56 20.11
CA GLY A 167 -2.95 13.80 21.56
C GLY A 167 -3.62 15.07 22.00
N ALA A 168 -2.96 15.81 22.90
CA ALA A 168 -3.41 17.11 23.35
C ALA A 168 -3.61 18.11 22.20
N SER A 169 -2.99 17.83 21.05
CA SER A 169 -3.13 18.69 19.86
C SER A 169 -4.38 18.42 19.02
N SER A 170 -5.18 17.43 19.44
CA SER A 170 -6.41 17.07 18.74
C SER A 170 -7.41 18.23 18.71
N PRO A 171 -8.03 18.47 17.53
CA PRO A 171 -9.10 19.45 17.44
C PRO A 171 -10.21 19.10 18.46
N LYS A 172 -10.94 20.13 18.89
CA LYS A 172 -12.01 20.00 19.87
C LYS A 172 -13.34 19.62 19.21
N ASN A 173 -14.27 19.12 20.05
CA ASN A 173 -15.63 18.74 19.62
C ASN A 173 -15.73 17.91 18.33
N LEU A 174 -14.74 17.06 18.08
CA LEU A 174 -14.77 16.15 16.93
C LEU A 174 -15.88 15.12 17.14
N ASP A 175 -16.49 14.62 16.05
CA ASP A 175 -17.61 13.70 16.15
C ASP A 175 -17.15 12.40 16.80
N ASP A 176 -17.99 11.84 17.68
CA ASP A 176 -17.67 10.57 18.37
C ASP A 176 -18.80 9.55 18.25
N LYS A 177 -19.50 9.53 17.11
CA LYS A 177 -20.59 8.61 16.85
C LYS A 177 -20.42 7.81 15.57
N VAL A 178 -20.26 8.52 14.49
CA VAL A 178 -20.13 7.94 13.15
C VAL A 178 -18.80 7.21 13.02
N LYS A 179 -18.85 5.95 12.56
CA LYS A 179 -17.62 5.19 12.31
C LYS A 179 -17.10 5.57 10.91
N LEU A 180 -15.83 6.00 10.81
CA LEU A 180 -15.26 6.39 9.52
C LEU A 180 -15.20 5.19 8.57
N SER A 181 -15.22 3.99 9.13
CA SER A 181 -15.15 2.78 8.34
C SER A 181 -16.42 2.55 7.50
N GLU A 182 -17.50 3.25 7.78
CA GLU A 182 -18.76 2.87 7.20
C GLU A 182 -18.74 2.64 5.70
N PRO A 183 -18.27 3.60 4.90
CA PRO A 183 -18.35 3.39 3.44
C PRO A 183 -17.35 2.41 2.85
N PHE A 184 -16.49 1.82 3.71
CA PHE A 184 -15.45 0.89 3.33
C PHE A 184 -15.82 -0.54 3.68
N MSE A 185 -16.99 -0.71 4.31
CA MSE A 185 -17.39 -2.05 4.78
C MSE A 185 -17.76 -3.00 3.66
O MSE A 185 -17.41 -4.17 3.71
CB MSE A 185 -18.54 -2.01 5.80
CG MSE A 185 -18.30 -1.20 7.07
SE MSE A 185 -16.78 -1.92 8.07
CE MSE A 185 -17.48 -3.75 8.60
N GLU A 186 -18.47 -2.52 2.65
CA GLU A 186 -18.99 -3.39 1.62
C GLU A 186 -18.66 -2.76 0.29
N LEU A 187 -18.41 -3.62 -0.70
CA LEU A 187 -18.14 -3.17 -2.06
C LEU A 187 -19.36 -2.49 -2.64
N VAL A 188 -19.14 -1.45 -3.44
CA VAL A 188 -20.25 -0.76 -4.10
C VAL A 188 -20.93 -1.72 -5.10
N ASP A 189 -22.22 -1.50 -5.39
CA ASP A 189 -22.94 -2.43 -6.24
C ASP A 189 -22.46 -2.26 -7.69
N LYS A 190 -22.06 -3.37 -8.32
CA LYS A 190 -21.51 -3.36 -9.68
C LYS A 190 -22.50 -2.84 -10.75
N ASP A 191 -23.79 -2.96 -10.47
CA ASP A 191 -24.78 -2.49 -11.43
C ASP A 191 -25.08 -1.01 -11.28
N GLU A 192 -24.96 -0.48 -10.07
CA GLU A 192 -25.07 0.93 -9.85
C GLU A 192 -23.90 1.74 -10.18
N LEU A 193 -22.74 1.15 -10.03
CA LEU A 193 -21.52 1.88 -10.33
C LEU A 193 -20.52 1.03 -11.14
N PRO A 194 -20.90 0.64 -12.37
CA PRO A 194 -20.05 -0.24 -13.19
C PRO A 194 -18.67 0.35 -13.41
N GLU A 195 -18.57 1.67 -13.53
CA GLU A 195 -17.25 2.31 -13.75
C GLU A 195 -16.25 2.05 -12.63
N TYR A 196 -16.75 1.81 -11.40
CA TYR A 196 -15.86 1.51 -10.29
C TYR A 196 -14.99 0.30 -10.64
N TYR A 197 -15.64 -0.72 -11.22
CA TYR A 197 -15.00 -2.01 -11.52
C TYR A 197 -14.16 -1.96 -12.81
N GLU A 198 -14.38 -0.93 -13.63
CA GLU A 198 -13.56 -0.68 -14.79
C GLU A 198 -12.27 -0.01 -14.37
N ILE A 199 -12.30 0.71 -13.24
CA ILE A 199 -11.17 1.52 -12.79
C ILE A 199 -10.36 0.78 -11.71
N VAL A 200 -11.06 0.28 -10.70
CA VAL A 200 -10.41 -0.33 -9.55
C VAL A 200 -10.23 -1.83 -9.86
N HIS A 201 -9.00 -2.23 -10.13
CA HIS A 201 -8.79 -3.58 -10.67
C HIS A 201 -8.75 -4.67 -9.62
N SER A 202 -8.48 -4.30 -8.37
N SER A 202 -8.47 -4.32 -8.37
CA SER A 202 -8.43 -5.24 -7.25
CA SER A 202 -8.46 -5.31 -7.29
C SER A 202 -9.34 -4.77 -6.10
C SER A 202 -9.33 -4.82 -6.12
N PRO A 203 -10.66 -4.85 -6.28
CA PRO A 203 -11.57 -4.32 -5.24
C PRO A 203 -11.41 -5.08 -3.92
N MSE A 204 -11.63 -4.37 -2.82
CA MSE A 204 -11.56 -4.98 -1.49
C MSE A 204 -12.41 -4.13 -0.54
O MSE A 204 -12.48 -2.90 -0.72
CB MSE A 204 -10.10 -5.04 -1.02
CG MSE A 204 -9.89 -5.79 0.26
SE MSE A 204 -10.54 -7.65 0.22
CE MSE A 204 -9.56 -8.27 -1.27
N ALA A 205 -13.04 -4.76 0.44
CA ALA A 205 -13.80 -4.02 1.44
C ALA A 205 -13.55 -4.65 2.81
N LEU A 206 -13.83 -3.93 3.87
CA LEU A 206 -13.42 -4.37 5.18
C LEU A 206 -14.18 -5.61 5.67
N SER A 207 -15.44 -5.77 5.25
CA SER A 207 -16.20 -6.96 5.66
C SER A 207 -15.53 -8.23 5.09
N ILE A 208 -14.96 -8.09 3.90
CA ILE A 208 -14.33 -9.23 3.21
C ILE A 208 -12.98 -9.54 3.90
N VAL A 209 -12.19 -8.50 4.18
CA VAL A 209 -10.94 -8.71 4.93
C VAL A 209 -11.21 -9.37 6.30
N LYS A 210 -12.22 -8.91 7.03
CA LYS A 210 -12.53 -9.50 8.32
C LYS A 210 -12.92 -10.99 8.16
N GLN A 211 -13.74 -11.28 7.19
CA GLN A 211 -14.10 -12.65 6.99
C GLN A 211 -12.90 -13.51 6.62
N ASN A 212 -12.06 -13.02 5.71
CA ASN A 212 -10.80 -13.70 5.37
C ASN A 212 -9.96 -13.99 6.61
N LEU A 213 -9.78 -12.99 7.46
CA LEU A 213 -9.04 -13.20 8.73
C LEU A 213 -9.71 -14.21 9.69
N GLU A 214 -11.02 -14.11 9.88
CA GLU A 214 -11.72 -15.00 10.81
C GLU A 214 -11.55 -16.45 10.42
N ILE A 215 -11.60 -16.74 9.12
CA ILE A 215 -11.61 -18.13 8.69
C ILE A 215 -10.22 -18.70 8.38
N GLY A 216 -9.19 -17.88 8.45
CA GLY A 216 -7.82 -18.37 8.26
C GLY A 216 -7.27 -18.27 6.84
N GLN A 217 -7.86 -17.40 5.99
CA GLN A 217 -7.39 -17.20 4.62
C GLN A 217 -6.08 -16.40 4.51
N TYR A 218 -5.69 -15.63 5.54
CA TYR A 218 -4.41 -14.91 5.47
C TYR A 218 -3.33 -15.75 6.14
N SER A 219 -2.29 -16.11 5.39
CA SER A 219 -1.28 -16.96 5.99
C SER A 219 -0.38 -16.19 6.97
N LYS A 220 0.06 -15.01 6.54
CA LYS A 220 1.07 -14.25 7.31
C LYS A 220 0.53 -12.85 7.57
N ILE A 221 1.12 -12.17 8.58
CA ILE A 221 0.63 -10.85 8.99
C ILE A 221 0.50 -9.88 7.82
N TYR A 222 1.53 -9.82 6.96
CA TYR A 222 1.49 -8.81 5.89
C TYR A 222 0.49 -9.14 4.78
N ASP A 223 0.06 -10.40 4.70
CA ASP A 223 -1.03 -10.75 3.78
C ASP A 223 -2.31 -9.98 4.22
N PHE A 224 -2.55 -9.96 5.53
CA PHE A 224 -3.68 -9.19 6.10
C PHE A 224 -3.43 -7.69 5.93
N ILE A 225 -2.22 -7.24 6.27
CA ILE A 225 -1.94 -5.78 6.26
C ILE A 225 -2.14 -5.25 4.82
N ILE A 226 -1.68 -5.99 3.82
CA ILE A 226 -1.77 -5.46 2.44
C ILE A 226 -3.24 -5.38 2.02
N ASP A 227 -4.10 -6.33 2.40
CA ASP A 227 -5.51 -6.21 1.95
C ASP A 227 -6.19 -5.04 2.65
N MSE A 228 -5.77 -4.75 3.87
CA MSE A 228 -6.31 -3.57 4.57
C MSE A 228 -5.85 -2.30 3.85
O MSE A 228 -6.63 -1.38 3.62
CB MSE A 228 -5.84 -3.50 6.03
CG MSE A 228 -6.40 -4.60 6.88
SE MSE A 228 -8.30 -4.26 7.23
CE MSE A 228 -8.19 -2.50 8.22
N LEU A 229 -4.59 -2.20 3.50
CA LEU A 229 -4.12 -1.03 2.80
C LEU A 229 -4.78 -0.90 1.43
N LEU A 230 -5.04 -2.01 0.79
CA LEU A 230 -5.70 -2.03 -0.53
C LEU A 230 -7.08 -1.34 -0.45
N VAL A 231 -7.83 -1.63 0.63
CA VAL A 231 -9.14 -0.99 0.86
C VAL A 231 -9.04 0.53 0.76
N PHE A 232 -8.09 1.08 1.52
CA PHE A 232 -7.99 2.52 1.64
C PHE A 232 -7.33 3.09 0.40
N GLN A 233 -6.35 2.39 -0.17
CA GLN A 233 -5.68 2.93 -1.36
C GLN A 233 -6.61 2.92 -2.57
N ASN A 234 -7.47 1.91 -2.68
CA ASN A 234 -8.45 1.93 -3.75
C ASN A 234 -9.37 3.14 -3.71
N ALA A 235 -9.69 3.62 -2.50
CA ALA A 235 -10.49 4.84 -2.37
C ALA A 235 -9.73 6.07 -2.88
N HIS A 236 -8.43 6.08 -2.73
CA HIS A 236 -7.57 7.13 -3.28
C HIS A 236 -7.42 7.05 -4.81
N ILE A 237 -7.64 5.88 -5.38
N ILE A 237 -7.60 5.85 -5.35
CA ILE A 237 -7.57 5.72 -6.82
CA ILE A 237 -7.60 5.62 -6.81
C ILE A 237 -8.89 6.13 -7.49
C ILE A 237 -8.88 6.15 -7.45
N PHE A 238 -10.01 5.65 -6.92
CA PHE A 238 -11.31 5.95 -7.51
C PHE A 238 -11.76 7.40 -7.30
N ASN A 239 -11.50 7.94 -6.13
CA ASN A 239 -12.04 9.27 -5.79
C ASN A 239 -11.07 10.42 -5.99
N ASP A 240 -11.62 11.61 -6.19
CA ASP A 240 -10.85 12.84 -6.27
C ASP A 240 -10.31 13.18 -4.88
N PRO A 241 -9.10 13.78 -4.79
CA PRO A 241 -8.59 14.17 -3.48
C PRO A 241 -9.48 15.14 -2.70
N SER A 242 -10.32 15.91 -3.39
CA SER A 242 -11.22 16.83 -2.70
C SER A 242 -12.44 16.13 -2.06
N ALA A 243 -12.64 14.84 -2.39
CA ALA A 243 -13.79 14.10 -1.87
C ALA A 243 -13.62 13.77 -0.39
N LEU A 244 -14.70 13.80 0.35
CA LEU A 244 -14.62 13.48 1.73
C LEU A 244 -14.17 12.03 1.97
N ILE A 245 -14.66 11.14 1.15
CA ILE A 245 -14.29 9.72 1.27
C ILE A 245 -12.78 9.54 1.09
N TYR A 246 -12.16 10.37 0.26
CA TYR A 246 -10.71 10.35 0.06
C TYR A 246 -10.04 10.71 1.39
N LYS A 247 -10.56 11.76 2.03
CA LYS A 247 -10.03 12.24 3.32
C LYS A 247 -10.18 11.15 4.36
N ASP A 248 -11.35 10.52 4.42
CA ASP A 248 -11.56 9.46 5.41
C ASP A 248 -10.65 8.27 5.16
N ALA A 249 -10.36 7.96 3.90
CA ALA A 249 -9.44 6.86 3.57
C ALA A 249 -8.02 7.19 4.10
N THR A 250 -7.61 8.44 3.95
CA THR A 250 -6.31 8.90 4.49
C THR A 250 -6.29 8.76 6.01
N THR A 251 -7.31 9.31 6.67
CA THR A 251 -7.42 9.20 8.11
C THR A 251 -7.35 7.74 8.56
N LEU A 252 -8.15 6.88 7.95
CA LEU A 252 -8.14 5.46 8.33
C LEU A 252 -6.83 4.75 8.07
N THR A 253 -6.20 5.03 6.92
CA THR A 253 -4.83 4.53 6.68
C THR A 253 -3.85 4.90 7.77
N ASN A 254 -3.84 6.18 8.12
CA ASN A 254 -2.96 6.67 9.16
C ASN A 254 -3.23 6.01 10.50
N TYR A 255 -4.52 5.84 10.81
CA TYR A 255 -4.87 5.19 12.06
C TYR A 255 -4.48 3.73 12.07
N PHE A 256 -4.70 3.04 10.95
CA PHE A 256 -4.30 1.64 10.82
C PHE A 256 -2.79 1.49 11.01
N ASN A 257 -2.04 2.38 10.37
CA ASN A 257 -0.59 2.36 10.53
C ASN A 257 -0.18 2.53 11.98
N TYR A 258 -0.85 3.45 12.68
CA TYR A 258 -0.61 3.71 14.10
C TYR A 258 -0.91 2.42 14.89
N LEU A 259 -2.07 1.82 14.65
CA LEU A 259 -2.41 0.59 15.39
C LEU A 259 -1.35 -0.49 15.20
N ILE A 260 -0.93 -0.68 13.96
CA ILE A 260 0.02 -1.79 13.64
C ILE A 260 1.36 -1.49 14.29
N GLN A 261 1.86 -0.29 14.06
CA GLN A 261 3.23 0.05 14.51
C GLN A 261 3.39 0.35 15.96
N LYS A 262 2.37 0.97 16.56
CA LYS A 262 2.55 1.52 17.90
C LYS A 262 1.85 0.66 18.94
N GLU A 263 0.90 -0.16 18.51
CA GLU A 263 0.16 -1.03 19.43
C GLU A 263 0.37 -2.51 19.16
N PHE A 264 0.01 -2.96 17.97
CA PHE A 264 0.08 -4.41 17.66
C PHE A 264 1.47 -5.02 17.73
N PHE A 265 2.40 -4.46 16.95
CA PHE A 265 3.74 -5.08 16.96
C PHE A 265 4.43 -5.02 18.32
N PRO A 266 4.38 -3.85 19.00
CA PRO A 266 4.87 -3.80 20.41
C PRO A 266 4.19 -4.77 21.38
N GLU A 267 2.88 -4.99 21.21
CA GLU A 267 2.19 -6.00 21.99
C GLU A 267 2.73 -7.42 21.74
N LEU A 268 2.99 -7.80 20.48
CA LEU A 268 3.54 -9.12 20.17
C LEU A 268 4.91 -9.30 20.79
N GLN A 269 5.74 -8.27 20.69
CA GLN A 269 7.07 -8.32 21.30
C GLN A 269 7.01 -8.43 22.83
N ASP A 270 6.12 -7.67 23.47
CA ASP A 270 5.95 -7.78 24.91
C ASP A 270 5.48 -9.17 25.31
N LEU A 271 4.50 -9.72 24.60
CA LEU A 271 4.00 -11.05 24.90
C LEU A 271 5.06 -12.11 24.64
N ASN A 272 5.81 -11.93 23.54
CA ASN A 272 6.89 -12.85 23.21
C ASN A 272 7.96 -12.92 24.26
N GLU A 273 8.37 -11.75 24.79
CA GLU A 273 9.40 -11.69 25.85
C GLU A 273 8.91 -12.34 27.15
N ARG A 274 7.60 -12.29 27.39
CA ARG A 274 7.04 -12.84 28.60
C ARG A 274 6.71 -14.32 28.44
N GLY A 275 6.94 -14.87 27.26
CA GLY A 275 6.71 -16.28 26.94
C GLY A 275 5.23 -16.61 26.82
N GLU A 276 4.43 -15.60 26.48
CA GLU A 276 2.97 -15.73 26.43
C GLU A 276 2.41 -15.90 25.01
N ILE A 277 3.29 -15.87 24.01
CA ILE A 277 2.89 -16.04 22.61
C ILE A 277 3.99 -16.78 21.87
N ASN A 278 3.60 -17.55 20.88
CA ASN A 278 4.55 -18.10 19.95
C ASN A 278 4.52 -17.33 18.66
N LEU A 279 5.68 -16.84 18.27
CA LEU A 279 5.83 -16.13 17.00
C LEU A 279 6.65 -17.04 16.08
N GLU A 280 6.03 -17.50 14.99
CA GLU A 280 6.67 -18.43 14.07
C GLU A 280 6.59 -17.90 12.65
N PHE A 281 7.37 -18.47 11.75
CA PHE A 281 7.36 -18.07 10.34
C PHE A 281 6.90 -19.21 9.44
N ASP A 282 6.32 -18.85 8.30
CA ASP A 282 6.38 -19.70 7.12
C ASP A 282 7.24 -19.06 6.03
N LYS A 283 8.46 -19.55 5.88
CA LYS A 283 9.48 -18.87 5.10
C LYS A 283 9.47 -19.33 3.64
N PHE A 284 8.46 -20.10 3.29
CA PHE A 284 8.23 -20.47 1.89
C PHE A 284 8.34 -19.23 0.98
N GLU A 285 9.21 -19.32 -0.02
CA GLU A 285 9.46 -18.20 -0.97
C GLU A 285 10.02 -16.85 -0.42
N PHE A 286 10.37 -16.78 0.88
CA PHE A 286 11.00 -15.57 1.49
C PHE A 286 12.21 -15.03 0.68
N GLU A 287 13.00 -15.94 0.13
CA GLU A 287 14.13 -15.45 -0.65
C GLU A 287 14.26 -16.15 -2.00
N ASN A 288 13.11 -16.29 -2.62
CA ASN A 288 12.98 -16.88 -3.91
C ASN A 288 13.77 -16.11 -4.93
N TYR A 289 13.69 -14.80 -4.86
CA TYR A 289 14.49 -13.94 -5.75
C TYR A 289 15.98 -14.29 -5.79
N LEU A 290 16.50 -14.87 -4.70
CA LEU A 290 17.90 -15.32 -4.64
C LEU A 290 18.01 -16.67 -5.33
OH ALY B 9 -14.47 4.56 -3.08
CH ALY B 9 -15.42 4.18 -2.41
CH3 ALY B 9 -15.26 3.42 -1.11
NZ ALY B 9 -16.69 4.41 -2.77
CE ALY B 9 -17.04 5.10 -3.99
CD ALY B 9 -17.60 6.48 -3.65
CG ALY B 9 -19.05 6.60 -4.07
CB ALY B 9 -19.15 7.03 -5.54
CA ALY B 9 -18.49 8.38 -5.87
N ALY B 9 -19.32 9.51 -5.34
C ALY B 9 -18.26 8.57 -7.35
O ALY B 9 -19.00 8.05 -8.20
#